data_3UT1
#
_entry.id   3UT1
#
_cell.length_a   92.287
_cell.length_b   70.619
_cell.length_c   58.574
_cell.angle_alpha   90.000
_cell.angle_beta   119.950
_cell.angle_gamma   90.000
#
_symmetry.space_group_name_H-M   'C 1 2 1'
#
loop_
_entity.id
_entity.type
_entity.pdbx_description
1 polymer 'Lethal(3)malignant brain tumor-like protein 3'
2 non-polymer 'COBALT (II) ION'
3 non-polymer '4-(2-HYDROXYETHYL)-1-PIPERAZINE ETHANESULFONIC ACID'
4 non-polymer 'UNKNOWN ATOM OR ION'
5 water water
#
_entity_poly.entity_id   1
_entity_poly.type   'polypeptide(L)'
_entity_poly.pdbx_seq_one_letter_code
;GKKAWCWASYLEEEKAVAVPAKLFKEHQSFPYNKNGFKVGMKLEGVDPEHQSVYCVLTVAEVCGYRIKLHFDGYSDCYDF
WVNADALDIHPVGWCEKTGHKLHPPKGYKEEEFNWQTYLKTCKAQAAPKSLFENQNITVIPSGFRVGMKLEAVDKKNPSF
ICVATVTDMVDNRFLVHFDNWDESYDYWCEASSPHIHPVGWCKEHRRTLITPPGYPNVKHFSWDKYLEETNSLPAPARAF
KVKPPHGFQKKMKLEVVDKRNPMFIRVATVADTDDHRVKVHFDGWNNCYDYWIDADSPDIHPVGWCSKTGHPLQPPLSPL
ELME
;
_entity_poly.pdbx_strand_id   A
#
loop_
_chem_comp.id
_chem_comp.type
_chem_comp.name
_chem_comp.formula
CO non-polymer 'COBALT (II) ION' 'Co 2'
EPE non-polymer '4-(2-HYDROXYETHYL)-1-PIPERAZINE ETHANESULFONIC ACID' 'C8 H18 N2 O4 S'
UNX non-polymer 'UNKNOWN ATOM OR ION' ?
#
# COMPACT_ATOMS: atom_id res chain seq x y z
N ALA A 4 26.90 22.10 6.30
CA ALA A 4 26.44 21.19 5.19
C ALA A 4 26.42 19.73 5.67
N TRP A 5 25.23 19.15 5.69
CA TRP A 5 24.97 17.87 6.33
C TRP A 5 25.18 16.72 5.38
N CYS A 6 25.80 15.64 5.86
CA CYS A 6 25.80 14.40 5.10
C CYS A 6 25.62 13.18 6.01
N TRP A 7 25.13 12.09 5.43
CA TRP A 7 24.92 10.84 6.16
C TRP A 7 26.23 10.31 6.76
N ALA A 8 27.30 10.28 5.96
CA ALA A 8 28.64 9.87 6.43
C ALA A 8 28.98 10.46 7.82
N SER A 9 29.12 11.79 7.88
CA SER A 9 29.49 12.48 9.12
CA SER A 9 29.48 12.50 9.11
C SER A 9 28.41 12.38 10.19
N TYR A 10 27.16 12.26 9.78
CA TYR A 10 26.06 12.16 10.72
C TYR A 10 26.13 10.84 11.46
N LEU A 11 26.39 9.75 10.74
CA LEU A 11 26.54 8.44 11.37
C LEU A 11 27.70 8.47 12.35
N GLU A 12 28.84 9.05 11.94
CA GLU A 12 30.00 9.18 12.82
C GLU A 12 29.64 9.91 14.10
N GLU A 13 29.37 11.21 14.00
CA GLU A 13 29.02 12.04 15.18
C GLU A 13 28.01 11.38 16.13
N GLU A 14 26.94 10.84 15.55
CA GLU A 14 25.89 10.17 16.32
C GLU A 14 26.28 8.79 16.83
N LYS A 15 27.41 8.26 16.34
CA LYS A 15 27.91 6.94 16.75
C LYS A 15 26.83 5.91 16.51
N ALA A 16 26.28 5.95 15.31
CA ALA A 16 25.10 5.17 14.98
C ALA A 16 25.34 4.37 13.71
N VAL A 17 24.31 3.63 13.31
CA VAL A 17 24.42 2.73 12.18
C VAL A 17 23.12 2.75 11.38
N ALA A 18 23.28 2.56 10.09
CA ALA A 18 22.14 2.47 9.19
C ALA A 18 21.53 1.09 9.27
N VAL A 19 20.22 1.02 9.06
CA VAL A 19 19.59 -0.25 8.79
C VAL A 19 20.28 -0.81 7.57
N PRO A 20 20.70 -2.08 7.61
CA PRO A 20 21.41 -2.62 6.44
C PRO A 20 20.55 -2.72 5.20
N ALA A 21 21.16 -2.39 4.06
CA ALA A 21 20.49 -2.40 2.78
C ALA A 21 19.75 -3.72 2.55
N LYS A 22 20.43 -4.84 2.79
CA LYS A 22 19.86 -6.17 2.58
C LYS A 22 18.53 -6.45 3.29
N LEU A 23 18.15 -5.62 4.26
CA LEU A 23 16.88 -5.80 4.96
C LEU A 23 15.74 -5.15 4.23
N PHE A 24 16.03 -4.28 3.27
CA PHE A 24 14.96 -3.62 2.52
C PHE A 24 14.51 -4.50 1.37
N LYS A 25 13.21 -4.57 1.14
CA LYS A 25 12.71 -5.38 0.04
C LYS A 25 12.78 -4.62 -1.29
N GLU A 26 12.45 -5.28 -2.39
CA GLU A 26 12.65 -4.73 -3.73
C GLU A 26 12.03 -3.33 -3.92
N HIS A 27 10.80 -3.13 -3.44
CA HIS A 27 10.13 -1.83 -3.56
C HIS A 27 10.63 -0.78 -2.60
N GLN A 28 11.45 -1.18 -1.63
CA GLN A 28 11.98 -0.27 -0.64
C GLN A 28 13.37 0.17 -1.02
N SER A 29 14.10 -0.70 -1.71
CA SER A 29 15.52 -0.49 -1.93
C SER A 29 15.72 0.41 -3.17
N PHE A 30 16.99 0.60 -3.52
CA PHE A 30 17.35 1.40 -4.69
C PHE A 30 16.66 0.81 -5.91
N PRO A 31 16.04 1.66 -6.76
CA PRO A 31 15.39 1.11 -7.94
C PRO A 31 16.40 0.74 -9.00
N TYR A 32 15.96 -0.09 -9.95
CA TYR A 32 16.78 -0.58 -11.04
C TYR A 32 16.85 0.43 -12.20
N ASN A 33 15.80 1.22 -12.37
CA ASN A 33 15.65 2.13 -13.50
C ASN A 33 15.20 3.53 -13.10
N LYS A 34 15.18 4.46 -14.05
CA LYS A 34 14.74 5.82 -13.82
C LYS A 34 13.21 5.89 -13.71
N ASN A 35 12.74 7.07 -13.33
CA ASN A 35 11.31 7.37 -13.28
C ASN A 35 10.90 7.93 -14.61
N GLY A 36 10.27 7.10 -15.43
CA GLY A 36 9.83 7.50 -16.75
C GLY A 36 8.59 8.37 -16.77
N PHE A 37 7.92 8.55 -15.63
CA PHE A 37 6.66 9.34 -15.61
C PHE A 37 6.93 10.84 -15.85
N LYS A 38 5.97 11.47 -16.51
CA LYS A 38 6.03 12.90 -16.74
C LYS A 38 4.74 13.59 -16.32
N VAL A 39 4.86 14.79 -15.76
CA VAL A 39 3.69 15.56 -15.36
C VAL A 39 2.73 15.64 -16.53
N GLY A 40 1.44 15.52 -16.27
CA GLY A 40 0.42 15.54 -17.30
C GLY A 40 -0.02 14.17 -17.80
N MET A 41 0.83 13.16 -17.63
CA MET A 41 0.47 11.81 -18.05
C MET A 41 -0.69 11.28 -17.24
N LYS A 42 -1.57 10.58 -17.93
CA LYS A 42 -2.77 10.04 -17.32
C LYS A 42 -2.65 8.53 -17.17
N LEU A 43 -3.41 7.99 -16.22
CA LEU A 43 -3.38 6.56 -15.90
C LEU A 43 -4.64 6.16 -15.11
N GLU A 44 -4.67 4.90 -14.71
CA GLU A 44 -5.72 4.35 -13.86
C GLU A 44 -5.12 3.96 -12.50
N GLY A 45 -5.92 4.08 -11.45
CA GLY A 45 -5.43 3.79 -10.11
C GLY A 45 -6.53 3.46 -9.11
N VAL A 46 -6.18 2.54 -8.22
CA VAL A 46 -6.99 2.21 -7.07
C VAL A 46 -7.08 3.46 -6.17
N ASP A 47 -8.29 3.82 -5.73
CA ASP A 47 -8.44 4.91 -4.75
C ASP A 47 -8.03 4.39 -3.38
N PRO A 48 -6.87 4.83 -2.85
CA PRO A 48 -6.32 4.29 -1.58
C PRO A 48 -7.26 4.27 -0.37
N GLU A 49 -8.31 5.10 -0.39
CA GLU A 49 -9.26 5.09 0.71
CA GLU A 49 -9.32 5.17 0.67
C GLU A 49 -10.54 4.34 0.31
N HIS A 50 -10.62 3.92 -0.95
CA HIS A 50 -11.69 3.04 -1.39
C HIS A 50 -11.11 2.04 -2.34
N GLN A 51 -10.55 0.98 -1.77
CA GLN A 51 -9.60 0.14 -2.50
C GLN A 51 -10.23 -0.79 -3.47
N SER A 52 -11.55 -0.86 -3.48
CA SER A 52 -12.23 -1.62 -4.53
C SER A 52 -12.53 -0.75 -5.75
N VAL A 53 -12.27 0.55 -5.66
CA VAL A 53 -12.64 1.51 -6.73
C VAL A 53 -11.42 1.94 -7.59
N TYR A 54 -11.56 1.84 -8.92
CA TYR A 54 -10.56 2.34 -9.86
C TYR A 54 -10.93 3.71 -10.40
N CYS A 55 -9.94 4.58 -10.53
CA CYS A 55 -10.17 5.95 -10.86
C CYS A 55 -9.24 6.46 -11.93
N VAL A 56 -9.72 7.48 -12.63
CA VAL A 56 -8.92 8.26 -13.58
C VAL A 56 -7.97 9.21 -12.85
N LEU A 57 -6.68 9.11 -13.16
CA LEU A 57 -5.63 9.82 -12.46
C LEU A 57 -4.68 10.50 -13.45
N THR A 58 -4.03 11.56 -12.98
CA THR A 58 -3.06 12.32 -13.75
C THR A 58 -1.83 12.49 -12.86
N VAL A 59 -0.64 12.39 -13.42
CA VAL A 59 0.57 12.73 -12.69
C VAL A 59 0.55 14.24 -12.54
N ALA A 60 0.30 14.71 -11.31
CA ALA A 60 0.38 16.13 -10.95
C ALA A 60 1.82 16.62 -10.63
N GLU A 61 2.67 15.75 -10.11
CA GLU A 61 4.08 16.12 -9.86
C GLU A 61 4.99 14.91 -9.92
N VAL A 62 6.27 15.15 -10.18
CA VAL A 62 7.27 14.09 -10.21
C VAL A 62 8.38 14.54 -9.29
N CYS A 63 8.83 13.65 -8.42
CA CYS A 63 9.98 13.96 -7.55
C CYS A 63 10.85 12.73 -7.38
N GLY A 64 12.07 12.78 -7.93
CA GLY A 64 12.94 11.62 -7.96
C GLY A 64 12.23 10.39 -8.51
N TYR A 65 12.18 9.34 -7.69
CA TYR A 65 11.52 8.10 -8.10
C TYR A 65 10.03 8.05 -7.73
N ARG A 66 9.46 9.20 -7.33
CA ARG A 66 8.04 9.24 -6.90
C ARG A 66 7.20 10.13 -7.77
N ILE A 67 5.88 9.90 -7.71
CA ILE A 67 4.89 10.67 -8.48
C ILE A 67 3.72 11.02 -7.54
N LYS A 68 3.16 12.22 -7.70
CA LYS A 68 1.96 12.63 -6.98
C LYS A 68 0.82 12.50 -7.95
N LEU A 69 -0.24 11.82 -7.55
CA LEU A 69 -1.32 11.50 -8.45
C LEU A 69 -2.55 12.28 -8.05
N HIS A 70 -3.32 12.69 -9.06
CA HIS A 70 -4.47 13.57 -8.90
C HIS A 70 -5.71 12.96 -9.48
N PHE A 71 -6.83 13.07 -8.77
CA PHE A 71 -8.09 12.50 -9.24
C PHE A 71 -8.78 13.53 -10.14
N ASP A 72 -8.78 13.25 -11.44
CA ASP A 72 -9.23 14.24 -12.43
C ASP A 72 -10.61 14.84 -12.15
N GLY A 73 -10.65 16.15 -12.07
CA GLY A 73 -11.91 16.84 -11.83
C GLY A 73 -12.31 16.95 -10.37
N TYR A 74 -11.56 16.31 -9.46
CA TYR A 74 -11.83 16.41 -8.00
C TYR A 74 -10.82 17.31 -7.31
N SER A 75 -11.06 17.54 -6.03
CA SER A 75 -10.26 18.41 -5.19
C SER A 75 -8.82 17.90 -5.04
N ASP A 76 -7.86 18.81 -4.97
CA ASP A 76 -6.46 18.46 -4.68
C ASP A 76 -6.23 17.86 -3.30
N CYS A 77 -7.18 17.97 -2.37
CA CYS A 77 -6.98 17.36 -1.04
C CYS A 77 -6.83 15.83 -1.13
N TYR A 78 -7.37 15.23 -2.20
CA TYR A 78 -7.25 13.78 -2.41
C TYR A 78 -5.93 13.34 -3.03
N ASP A 79 -5.07 14.28 -3.44
CA ASP A 79 -3.83 13.89 -4.16
C ASP A 79 -3.01 12.99 -3.28
N PHE A 80 -2.22 12.09 -3.88
CA PHE A 80 -1.38 11.18 -3.10
C PHE A 80 -0.14 10.75 -3.84
N TRP A 81 0.87 10.43 -3.06
CA TRP A 81 2.20 10.08 -3.56
C TRP A 81 2.47 8.60 -3.52
N VAL A 82 3.06 8.07 -4.60
CA VAL A 82 3.47 6.65 -4.67
C VAL A 82 4.80 6.63 -5.44
N ASN A 83 5.55 5.54 -5.35
CA ASN A 83 6.79 5.39 -6.13
C ASN A 83 6.47 4.97 -7.56
N ALA A 84 7.43 5.19 -8.46
CA ALA A 84 7.31 4.85 -9.88
C ALA A 84 6.91 3.40 -10.14
N ASP A 85 7.29 2.49 -9.25
CA ASP A 85 6.93 1.07 -9.39
C ASP A 85 5.77 0.62 -8.51
N ALA A 86 4.88 1.55 -8.11
CA ALA A 86 3.68 1.16 -7.33
C ALA A 86 2.90 0.08 -8.01
N LEU A 87 2.11 -0.62 -7.19
CA LEU A 87 1.38 -1.81 -7.56
C LEU A 87 -0.08 -1.53 -7.93
N ASP A 88 -0.67 -0.51 -7.32
CA ASP A 88 -2.11 -0.27 -7.49
C ASP A 88 -2.37 0.91 -8.46
N ILE A 89 -1.46 1.07 -9.42
CA ILE A 89 -1.67 1.92 -10.58
C ILE A 89 -1.54 1.04 -11.85
N HIS A 90 -2.31 1.39 -12.88
CA HIS A 90 -2.34 0.66 -14.14
C HIS A 90 -2.41 1.61 -15.32
N PRO A 91 -1.99 1.13 -16.50
CA PRO A 91 -2.06 2.00 -17.64
C PRO A 91 -3.49 2.32 -18.07
N VAL A 92 -3.67 3.47 -18.72
CA VAL A 92 -4.88 3.74 -19.47
C VAL A 92 -5.29 2.46 -20.21
N GLY A 93 -6.57 2.08 -20.11
CA GLY A 93 -7.11 0.87 -20.77
C GLY A 93 -7.14 -0.41 -19.95
N TRP A 94 -6.44 -0.44 -18.82
CA TRP A 94 -6.36 -1.67 -17.98
C TRP A 94 -7.70 -2.14 -17.45
N CYS A 95 -8.49 -1.21 -16.93
CA CYS A 95 -9.83 -1.55 -16.45
C CYS A 95 -10.62 -2.22 -17.56
N GLU A 96 -10.60 -1.64 -18.76
CA GLU A 96 -11.35 -2.22 -19.90
C GLU A 96 -10.80 -3.61 -20.26
N LYS A 97 -9.46 -3.71 -20.33
CA LYS A 97 -8.80 -4.99 -20.61
C LYS A 97 -9.22 -6.11 -19.62
N THR A 98 -9.26 -5.80 -18.33
CA THR A 98 -9.44 -6.79 -17.26
C THR A 98 -10.89 -6.87 -16.79
N GLY A 99 -11.75 -5.99 -17.31
CA GLY A 99 -13.18 -5.99 -16.94
C GLY A 99 -13.52 -5.40 -15.56
N HIS A 100 -12.70 -4.48 -15.07
CA HIS A 100 -12.99 -3.78 -13.85
C HIS A 100 -13.62 -2.48 -14.20
N LYS A 101 -14.42 -1.99 -13.26
CA LYS A 101 -15.16 -0.74 -13.37
C LYS A 101 -14.24 0.45 -13.11
N LEU A 102 -14.29 1.42 -14.00
CA LEU A 102 -13.47 2.62 -13.94
C LEU A 102 -14.35 3.83 -13.62
N HIS A 103 -14.06 4.49 -12.50
CA HIS A 103 -14.71 5.74 -12.14
C HIS A 103 -14.17 6.88 -12.97
N PRO A 104 -15.02 7.48 -13.81
CA PRO A 104 -14.54 8.57 -14.63
C PRO A 104 -14.33 9.87 -13.84
N PRO A 105 -13.80 10.90 -14.49
CA PRO A 105 -13.59 12.14 -13.77
C PRO A 105 -14.91 12.76 -13.36
N LYS A 106 -14.83 13.82 -12.56
CA LYS A 106 -16.00 14.48 -12.05
C LYS A 106 -16.79 15.11 -13.19
N GLY A 107 -18.11 15.04 -13.11
CA GLY A 107 -18.97 15.56 -14.17
C GLY A 107 -19.40 14.53 -15.20
N TYR A 108 -18.58 13.50 -15.40
CA TYR A 108 -18.80 12.50 -16.48
C TYR A 108 -19.67 11.35 -16.04
N LYS A 109 -20.28 10.66 -17.00
CA LYS A 109 -20.98 9.41 -16.73
C LYS A 109 -20.04 8.22 -17.00
N GLU A 110 -20.11 7.20 -16.14
CA GLU A 110 -19.24 6.00 -16.21
C GLU A 110 -19.33 5.30 -17.57
N GLU A 111 -20.55 5.12 -18.05
CA GLU A 111 -20.83 4.53 -19.37
C GLU A 111 -20.24 5.35 -20.53
N GLU A 112 -20.46 6.67 -20.53
CA GLU A 112 -20.04 7.55 -21.66
C GLU A 112 -18.52 7.83 -21.75
N PHE A 113 -17.81 7.79 -20.62
CA PHE A 113 -16.35 8.06 -20.60
C PHE A 113 -15.58 7.22 -21.61
N ASN A 114 -14.65 7.87 -22.28
CA ASN A 114 -13.93 7.29 -23.40
C ASN A 114 -12.52 7.86 -23.39
N TRP A 115 -11.56 7.08 -22.92
CA TRP A 115 -10.15 7.52 -22.88
C TRP A 115 -9.67 8.22 -24.12
N GLN A 116 -10.00 7.67 -25.28
CA GLN A 116 -9.51 8.22 -26.57
C GLN A 116 -9.88 9.71 -26.75
N THR A 117 -11.17 10.02 -26.61
CA THR A 117 -11.63 11.41 -26.69
C THR A 117 -11.13 12.25 -25.50
N TYR A 118 -11.09 11.65 -24.32
CA TYR A 118 -10.67 12.39 -23.12
C TYR A 118 -9.21 12.83 -23.22
N LEU A 119 -8.37 11.98 -23.79
CA LEU A 119 -6.95 12.33 -23.93
C LEU A 119 -6.73 13.49 -24.90
N LYS A 120 -7.61 13.64 -25.89
CA LYS A 120 -7.50 14.72 -26.90
C LYS A 120 -8.00 16.04 -26.30
N THR A 121 -9.25 16.06 -25.84
CA THR A 121 -9.76 17.15 -25.02
C THR A 121 -8.72 17.75 -24.09
N CYS A 122 -8.01 16.90 -23.35
CA CYS A 122 -7.00 17.36 -22.36
C CYS A 122 -5.64 17.55 -22.99
N LYS A 123 -5.50 17.24 -24.27
CA LYS A 123 -4.24 17.40 -24.98
C LYS A 123 -3.13 16.70 -24.23
N ALA A 124 -3.40 15.48 -23.80
CA ALA A 124 -2.51 14.79 -22.87
C ALA A 124 -2.26 13.39 -23.37
N GLN A 125 -1.13 12.83 -22.95
CA GLN A 125 -0.75 11.44 -23.24
C GLN A 125 -1.01 10.53 -22.04
N ALA A 126 -1.22 9.27 -22.31
CA ALA A 126 -1.33 8.28 -21.25
C ALA A 126 0.10 7.85 -20.96
N ALA A 127 0.38 7.55 -19.70
CA ALA A 127 1.69 6.98 -19.34
C ALA A 127 1.86 5.70 -20.17
N PRO A 128 3.06 5.47 -20.71
CA PRO A 128 3.28 4.25 -21.45
C PRO A 128 3.25 2.99 -20.60
N LYS A 129 2.90 1.85 -21.22
CA LYS A 129 2.75 0.58 -20.52
C LYS A 129 4.06 0.04 -19.92
N SER A 130 5.19 0.39 -20.53
CA SER A 130 6.51 -0.04 -20.03
C SER A 130 6.77 0.44 -18.60
N LEU A 131 6.20 1.58 -18.24
CA LEU A 131 6.43 2.18 -16.93
C LEU A 131 5.80 1.38 -15.79
N PHE A 132 4.82 0.55 -16.10
CA PHE A 132 4.10 -0.13 -15.05
C PHE A 132 4.82 -1.40 -14.69
N GLU A 133 5.37 -1.44 -13.47
CA GLU A 133 6.11 -2.60 -12.98
C GLU A 133 5.18 -3.80 -12.79
N ASN A 134 3.87 -3.57 -12.99
CA ASN A 134 2.87 -4.60 -12.80
C ASN A 134 2.30 -5.16 -14.13
N GLN A 135 2.89 -4.82 -15.27
CA GLN A 135 2.33 -5.28 -16.55
C GLN A 135 2.52 -6.78 -16.79
N ASN A 136 3.66 -7.34 -16.36
CA ASN A 136 3.92 -8.79 -16.55
C ASN A 136 4.46 -9.46 -15.27
N ILE A 137 3.68 -9.37 -14.19
CA ILE A 137 4.12 -9.92 -12.87
C ILE A 137 4.09 -11.47 -12.85
N THR A 138 5.20 -12.07 -12.42
CA THR A 138 5.31 -13.54 -12.29
C THR A 138 4.39 -14.08 -11.17
N VAL A 139 3.35 -14.82 -11.56
CA VAL A 139 2.29 -15.25 -10.65
C VAL A 139 2.63 -16.55 -9.86
N ILE A 140 3.00 -16.37 -8.59
CA ILE A 140 3.29 -17.49 -7.68
C ILE A 140 2.01 -18.28 -7.40
N PRO A 141 2.08 -19.63 -7.38
CA PRO A 141 0.85 -20.42 -7.11
C PRO A 141 0.29 -20.18 -5.69
N SER A 142 -1.01 -20.10 -5.58
CA SER A 142 -1.62 -19.75 -4.32
C SER A 142 -2.88 -20.56 -4.08
N GLY A 143 -3.15 -20.86 -2.81
CA GLY A 143 -4.39 -21.49 -2.43
C GLY A 143 -5.59 -20.54 -2.37
N PHE A 144 -5.33 -19.25 -2.51
CA PHE A 144 -6.40 -18.28 -2.36
C PHE A 144 -7.15 -18.19 -3.67
N ARG A 145 -8.47 -18.16 -3.58
CA ARG A 145 -9.37 -18.01 -4.71
C ARG A 145 -10.53 -17.08 -4.29
N VAL A 146 -11.03 -16.31 -5.26
CA VAL A 146 -12.22 -15.47 -5.07
C VAL A 146 -13.35 -16.29 -4.46
N GLY A 147 -14.03 -15.67 -3.49
CA GLY A 147 -15.15 -16.28 -2.76
C GLY A 147 -14.78 -16.88 -1.42
N MET A 148 -13.51 -17.25 -1.24
CA MET A 148 -13.08 -17.89 0.01
C MET A 148 -13.23 -16.94 1.18
N LYS A 149 -13.57 -17.47 2.35
CA LYS A 149 -13.77 -16.66 3.54
C LYS A 149 -12.63 -16.83 4.52
N LEU A 150 -12.46 -15.82 5.35
CA LEU A 150 -11.36 -15.83 6.31
C LEU A 150 -11.65 -14.78 7.41
N GLU A 151 -10.68 -14.59 8.31
CA GLU A 151 -10.75 -13.63 9.40
C GLU A 151 -9.68 -12.58 9.19
N ALA A 152 -10.09 -11.31 9.21
CA ALA A 152 -9.23 -10.22 8.82
C ALA A 152 -9.31 -9.05 9.77
N VAL A 153 -8.15 -8.49 10.10
CA VAL A 153 -8.12 -7.23 10.78
C VAL A 153 -8.82 -6.15 9.93
N ASP A 154 -9.60 -5.32 10.60
CA ASP A 154 -10.03 -4.06 10.02
C ASP A 154 -8.89 -3.05 10.14
N LYS A 155 -8.21 -2.78 9.03
CA LYS A 155 -7.08 -1.86 9.02
C LYS A 155 -7.43 -0.45 9.45
N LYS A 156 -8.68 -0.04 9.26
CA LYS A 156 -9.15 1.28 9.71
C LYS A 156 -9.45 1.29 11.22
N ASN A 157 -9.70 0.11 11.78
CA ASN A 157 -9.90 -0.07 13.22
C ASN A 157 -9.17 -1.34 13.67
N PRO A 158 -7.83 -1.29 13.79
CA PRO A 158 -7.10 -2.60 13.93
C PRO A 158 -7.25 -3.40 15.23
N SER A 159 -7.98 -2.85 16.18
CA SER A 159 -8.53 -3.59 17.32
C SER A 159 -9.44 -4.73 16.96
N PHE A 160 -10.12 -4.65 15.82
CA PHE A 160 -11.17 -5.61 15.50
C PHE A 160 -10.71 -6.62 14.43
N ILE A 161 -10.95 -7.91 14.66
CA ILE A 161 -10.83 -8.96 13.62
C ILE A 161 -12.26 -9.32 13.22
N CYS A 162 -12.49 -9.47 11.93
CA CYS A 162 -13.85 -9.60 11.39
C CYS A 162 -13.91 -10.65 10.28
N VAL A 163 -15.14 -11.08 10.02
CA VAL A 163 -15.46 -12.01 8.97
C VAL A 163 -15.25 -11.36 7.61
N ALA A 164 -14.47 -12.02 6.76
CA ALA A 164 -14.13 -11.40 5.48
C ALA A 164 -14.16 -12.42 4.37
N THR A 165 -14.11 -11.91 3.15
CA THR A 165 -14.09 -12.73 1.94
C THR A 165 -13.05 -12.15 0.99
N VAL A 166 -12.42 -13.01 0.20
CA VAL A 166 -11.58 -12.56 -0.94
C VAL A 166 -12.51 -12.30 -2.12
N THR A 167 -12.55 -11.06 -2.59
CA THR A 167 -13.52 -10.70 -3.62
C THR A 167 -12.88 -10.41 -4.97
N ASP A 168 -11.55 -10.30 -5.00
CA ASP A 168 -10.82 -10.20 -6.25
C ASP A 168 -9.35 -10.52 -6.04
N MET A 169 -8.67 -10.85 -7.13
CA MET A 169 -7.25 -11.17 -7.14
C MET A 169 -6.62 -10.60 -8.40
N VAL A 170 -5.46 -9.95 -8.24
CA VAL A 170 -4.73 -9.37 -9.35
C VAL A 170 -3.25 -9.59 -9.09
N ASP A 171 -2.56 -10.20 -10.05
CA ASP A 171 -1.17 -10.65 -9.86
C ASP A 171 -1.09 -11.40 -8.53
N ASN A 172 -0.16 -11.08 -7.65
CA ASN A 172 0.00 -11.84 -6.39
C ASN A 172 -0.76 -11.25 -5.17
N ARG A 173 -1.70 -10.34 -5.43
CA ARG A 173 -2.46 -9.63 -4.41
C ARG A 173 -3.92 -10.03 -4.49
N PHE A 174 -4.64 -9.87 -3.38
CA PHE A 174 -6.09 -10.09 -3.36
C PHE A 174 -6.82 -9.11 -2.48
N LEU A 175 -8.11 -8.95 -2.75
CA LEU A 175 -8.89 -7.91 -2.14
C LEU A 175 -9.74 -8.49 -1.01
N VAL A 176 -9.53 -7.98 0.19
CA VAL A 176 -10.22 -8.44 1.38
C VAL A 176 -11.40 -7.54 1.58
N HIS A 177 -12.57 -8.14 1.70
CA HIS A 177 -13.82 -7.42 1.85
C HIS A 177 -14.56 -7.94 3.06
N PHE A 178 -15.11 -7.06 3.88
CA PHE A 178 -15.81 -7.46 5.08
C PHE A 178 -17.31 -7.65 4.83
N ASP A 179 -17.74 -8.90 4.95
CA ASP A 179 -19.12 -9.32 4.70
C ASP A 179 -20.14 -8.39 5.33
N ASN A 180 -21.05 -7.90 4.49
CA ASN A 180 -22.16 -7.09 4.94
C ASN A 180 -21.75 -5.69 5.38
N TRP A 181 -20.48 -5.31 5.19
CA TRP A 181 -20.07 -3.93 5.36
C TRP A 181 -19.92 -3.27 4.04
N ASP A 182 -19.82 -1.94 4.11
CA ASP A 182 -19.44 -1.04 3.01
C ASP A 182 -18.08 -1.47 2.47
N GLU A 183 -17.80 -1.18 1.20
CA GLU A 183 -16.50 -1.55 0.58
C GLU A 183 -15.35 -0.59 0.97
N SER A 184 -15.70 0.52 1.65
CA SER A 184 -14.75 1.50 2.21
C SER A 184 -13.64 0.89 3.03
N TYR A 185 -13.95 -0.24 3.63
CA TYR A 185 -13.03 -1.00 4.48
C TYR A 185 -12.24 -2.08 3.73
N ASP A 186 -12.42 -2.19 2.41
CA ASP A 186 -11.68 -3.23 1.68
C ASP A 186 -10.22 -2.88 1.68
N TYR A 187 -9.39 -3.88 1.49
CA TYR A 187 -7.98 -3.63 1.32
C TYR A 187 -7.30 -4.77 0.61
N TRP A 188 -6.21 -4.42 -0.07
CA TRP A 188 -5.40 -5.35 -0.84
C TRP A 188 -4.33 -5.89 0.04
N CYS A 189 -4.06 -7.18 -0.06
CA CYS A 189 -2.89 -7.75 0.62
C CYS A 189 -2.45 -9.03 -0.11
N GLU A 190 -1.45 -9.71 0.45
CA GLU A 190 -0.96 -10.98 -0.08
C GLU A 190 -1.15 -12.09 0.96
N ALA A 191 -0.74 -13.31 0.61
CA ALA A 191 -0.96 -14.49 1.47
C ALA A 191 -0.21 -14.47 2.80
N SER A 192 0.86 -13.68 2.90
CA SER A 192 1.67 -13.61 4.14
C SER A 192 1.24 -12.46 5.06
N SER A 193 0.19 -11.72 4.68
CA SER A 193 -0.24 -10.57 5.44
C SER A 193 -0.39 -10.96 6.89
N PRO A 194 0.16 -10.15 7.81
CA PRO A 194 -0.13 -10.36 9.23
C PRO A 194 -1.55 -9.95 9.64
N HIS A 195 -2.37 -9.47 8.70
CA HIS A 195 -3.71 -8.99 9.03
C HIS A 195 -4.80 -9.95 8.68
N ILE A 196 -4.44 -11.14 8.19
CA ILE A 196 -5.43 -12.17 7.83
C ILE A 196 -5.15 -13.52 8.48
N HIS A 197 -6.21 -14.26 8.77
CA HIS A 197 -6.12 -15.56 9.44
C HIS A 197 -7.21 -16.49 8.96
N PRO A 198 -6.97 -17.79 9.02
CA PRO A 198 -8.01 -18.74 8.60
C PRO A 198 -9.18 -18.75 9.56
N VAL A 199 -10.36 -19.22 9.11
CA VAL A 199 -11.51 -19.31 9.98
C VAL A 199 -11.24 -20.16 11.24
N GLY A 200 -11.68 -19.68 12.39
CA GLY A 200 -11.39 -20.35 13.64
C GLY A 200 -10.23 -19.77 14.42
N TRP A 201 -9.52 -18.82 13.83
CA TRP A 201 -8.37 -18.23 14.52
C TRP A 201 -8.75 -17.53 15.81
N CYS A 202 -9.76 -16.66 15.73
CA CYS A 202 -10.12 -15.79 16.85
C CYS A 202 -10.51 -16.55 18.09
N LYS A 203 -11.39 -17.52 17.90
CA LYS A 203 -11.90 -18.37 18.97
C LYS A 203 -10.79 -19.05 19.75
N GLU A 204 -9.74 -19.43 19.07
CA GLU A 204 -8.70 -20.20 19.70
C GLU A 204 -7.60 -19.31 20.25
N HIS A 205 -7.58 -18.03 19.86
CA HIS A 205 -6.66 -17.05 20.42
C HIS A 205 -7.37 -16.11 21.33
N ARG A 206 -8.53 -16.53 21.87
CA ARG A 206 -9.26 -15.71 22.83
C ARG A 206 -9.42 -14.28 22.32
N ARG A 207 -9.84 -14.14 21.07
CA ARG A 207 -10.18 -12.83 20.51
C ARG A 207 -11.65 -12.85 20.16
N THR A 208 -12.29 -11.70 20.17
CA THR A 208 -13.74 -11.64 19.82
C THR A 208 -13.93 -11.33 18.30
N LEU A 209 -14.35 -12.33 17.53
CA LEU A 209 -14.63 -12.15 16.12
C LEU A 209 -15.86 -11.30 15.94
N ILE A 210 -15.74 -10.24 15.13
CA ILE A 210 -16.87 -9.44 14.74
C ILE A 210 -17.59 -10.11 13.55
N THR A 211 -18.82 -10.51 13.77
CA THR A 211 -19.58 -11.26 12.78
C THR A 211 -20.26 -10.25 11.85
N PRO A 212 -20.83 -10.73 10.72
CA PRO A 212 -21.37 -9.74 9.76
C PRO A 212 -22.63 -9.05 10.28
N PRO A 213 -22.86 -7.80 9.87
CA PRO A 213 -24.12 -7.17 10.25
C PRO A 213 -25.35 -7.94 9.77
N GLY A 214 -26.38 -7.98 10.61
CA GLY A 214 -27.61 -8.74 10.33
C GLY A 214 -27.58 -10.18 10.86
N TYR A 215 -26.51 -10.53 11.59
CA TYR A 215 -26.30 -11.88 12.11
C TYR A 215 -26.01 -11.79 13.59
N VAL A 218 -21.33 -12.82 18.21
CA VAL A 218 -20.47 -13.99 18.05
C VAL A 218 -20.68 -15.05 19.14
N LYS A 219 -21.51 -14.76 20.15
CA LYS A 219 -21.82 -15.72 21.22
C LYS A 219 -22.63 -16.95 20.75
N HIS A 220 -23.12 -16.92 19.51
CA HIS A 220 -23.75 -18.09 18.85
C HIS A 220 -23.08 -18.44 17.54
N PHE A 221 -22.67 -17.42 16.77
CA PHE A 221 -22.12 -17.59 15.43
C PHE A 221 -21.32 -18.88 15.19
N SER A 222 -21.71 -19.60 14.14
CA SER A 222 -20.97 -20.76 13.70
C SER A 222 -20.39 -20.51 12.33
N TRP A 223 -19.07 -20.64 12.20
CA TRP A 223 -18.45 -20.62 10.89
C TRP A 223 -19.03 -21.68 9.98
N ASP A 224 -19.30 -22.87 10.51
CA ASP A 224 -19.83 -23.94 9.66
C ASP A 224 -21.19 -23.61 9.10
N LYS A 225 -22.12 -23.25 9.97
CA LYS A 225 -23.47 -22.85 9.49
C LYS A 225 -23.36 -21.73 8.44
N TYR A 226 -22.49 -20.76 8.71
CA TYR A 226 -22.36 -19.60 7.84
C TYR A 226 -21.79 -19.97 6.48
N LEU A 227 -20.74 -20.79 6.48
CA LEU A 227 -20.15 -21.30 5.25
C LEU A 227 -21.17 -22.07 4.40
N GLU A 228 -22.02 -22.86 5.09
CA GLU A 228 -23.03 -23.68 4.43
C GLU A 228 -24.15 -22.82 3.84
N GLU A 229 -24.67 -21.90 4.64
CA GLU A 229 -25.76 -21.00 4.22
C GLU A 229 -25.34 -20.07 3.07
N THR A 230 -24.06 -19.70 3.02
CA THR A 230 -23.53 -18.84 1.96
C THR A 230 -22.86 -19.65 0.87
N ASN A 231 -23.08 -20.96 0.87
CA ASN A 231 -22.48 -21.84 -0.10
C ASN A 231 -21.02 -21.49 -0.38
N SER A 232 -20.24 -21.25 0.67
CA SER A 232 -18.86 -20.80 0.53
C SER A 232 -17.86 -21.73 1.17
N LEU A 233 -16.62 -21.66 0.70
CA LEU A 233 -15.50 -22.36 1.31
C LEU A 233 -14.61 -21.41 2.14
N PRO A 234 -13.96 -21.95 3.19
CA PRO A 234 -12.96 -21.20 3.92
C PRO A 234 -11.63 -21.24 3.17
N ALA A 235 -10.84 -20.18 3.24
CA ALA A 235 -9.53 -20.25 2.64
C ALA A 235 -8.77 -21.31 3.43
N PRO A 236 -8.20 -22.33 2.75
CA PRO A 236 -7.47 -23.38 3.45
C PRO A 236 -6.30 -22.79 4.22
N ALA A 237 -6.00 -23.39 5.36
CA ALA A 237 -4.94 -22.92 6.22
C ALA A 237 -3.60 -22.94 5.52
N ARG A 238 -3.39 -23.93 4.66
CA ARG A 238 -2.12 -24.08 3.95
C ARG A 238 -1.87 -22.94 2.97
N ALA A 239 -2.93 -22.26 2.53
CA ALA A 239 -2.81 -21.05 1.70
C ALA A 239 -2.15 -19.86 2.42
N PHE A 240 -2.28 -19.78 3.75
CA PHE A 240 -1.66 -18.67 4.47
C PHE A 240 -0.18 -18.95 4.60
N LYS A 241 0.62 -17.90 4.56
CA LYS A 241 2.07 -18.05 4.70
C LYS A 241 2.59 -17.29 5.91
N VAL A 242 3.80 -17.62 6.34
CA VAL A 242 4.37 -17.03 7.53
C VAL A 242 5.11 -15.78 7.09
N LYS A 243 4.81 -14.65 7.74
CA LYS A 243 5.47 -13.38 7.47
C LYS A 243 6.89 -13.46 8.03
N PRO A 244 7.91 -13.31 7.18
CA PRO A 244 9.30 -13.27 7.67
C PRO A 244 9.55 -12.10 8.63
N PRO A 245 10.28 -12.35 9.74
CA PRO A 245 10.71 -11.26 10.65
C PRO A 245 11.42 -10.20 9.84
N HIS A 246 11.22 -8.93 10.15
CA HIS A 246 11.78 -7.88 9.28
C HIS A 246 13.23 -7.58 9.61
N GLY A 247 13.64 -7.78 10.87
CA GLY A 247 15.06 -7.58 11.26
C GLY A 247 15.49 -6.13 11.50
N PHE A 248 14.53 -5.20 11.50
CA PHE A 248 14.85 -3.78 11.78
C PHE A 248 15.07 -3.67 13.26
N GLN A 249 16.13 -2.97 13.65
CA GLN A 249 16.42 -2.82 15.07
C GLN A 249 16.37 -1.36 15.56
N LYS A 250 16.16 -1.21 16.85
CA LYS A 250 16.08 0.09 17.46
C LYS A 250 17.40 0.81 17.33
N LYS A 251 17.29 2.11 17.04
CA LYS A 251 18.43 3.04 16.94
CA LYS A 251 18.44 3.04 16.95
C LYS A 251 19.08 3.06 15.54
N MET A 252 18.78 2.07 14.70
CA MET A 252 19.24 2.04 13.30
C MET A 252 18.65 3.23 12.48
N LYS A 253 19.44 3.77 11.54
CA LYS A 253 19.01 4.93 10.76
C LYS A 253 18.50 4.50 9.38
N LEU A 254 17.58 5.30 8.86
CA LEU A 254 17.02 5.07 7.55
C LEU A 254 16.36 6.37 7.04
N GLU A 255 15.87 6.34 5.81
CA GLU A 255 15.15 7.48 5.22
C GLU A 255 13.68 7.07 5.07
N VAL A 256 12.75 8.01 5.34
CA VAL A 256 11.33 7.67 5.35
CA VAL A 256 11.33 7.68 5.45
C VAL A 256 10.44 8.86 4.99
N VAL A 257 9.35 8.56 4.28
CA VAL A 257 8.37 9.58 3.89
C VAL A 257 7.65 10.17 5.10
N ASP A 258 7.55 11.49 5.16
CA ASP A 258 6.75 12.18 6.16
C ASP A 258 5.28 11.92 5.89
N LYS A 259 4.67 10.98 6.61
CA LYS A 259 3.25 10.63 6.42
C LYS A 259 2.33 11.86 6.40
N ARG A 260 2.69 12.86 7.20
CA ARG A 260 1.86 14.00 7.43
C ARG A 260 2.06 15.09 6.38
N ASN A 261 3.29 15.23 5.87
CA ASN A 261 3.58 16.13 4.74
C ASN A 261 4.30 15.32 3.69
N PRO A 262 3.56 14.46 2.94
CA PRO A 262 4.21 13.37 2.20
C PRO A 262 5.06 13.81 1.01
N MET A 263 5.11 15.10 0.74
CA MET A 263 6.04 15.59 -0.24
C MET A 263 7.48 15.39 0.27
N PHE A 264 7.69 15.30 1.59
CA PHE A 264 9.06 15.19 2.17
C PHE A 264 9.46 13.77 2.57
N ILE A 265 10.76 13.51 2.46
CA ILE A 265 11.44 12.35 3.01
C ILE A 265 12.48 12.90 3.98
N ARG A 266 12.55 12.31 5.17
CA ARG A 266 13.38 12.81 6.26
C ARG A 266 14.34 11.77 6.80
N VAL A 267 15.42 12.27 7.42
CA VAL A 267 16.30 11.42 8.19
C VAL A 267 15.48 10.84 9.35
N ALA A 268 15.60 9.54 9.57
CA ALA A 268 14.83 8.92 10.64
C ALA A 268 15.61 7.87 11.37
N THR A 269 15.03 7.47 12.49
CA THR A 269 15.59 6.48 13.38
C THR A 269 14.49 5.49 13.70
N VAL A 270 14.85 4.21 13.80
CA VAL A 270 13.88 3.22 14.27
C VAL A 270 13.83 3.40 15.77
N ALA A 271 12.66 3.81 16.27
CA ALA A 271 12.50 4.08 17.70
C ALA A 271 12.03 2.84 18.45
N ASP A 272 11.15 2.09 17.80
CA ASP A 272 10.53 0.90 18.37
C ASP A 272 10.20 -0.08 17.23
N THR A 273 9.83 -1.31 17.58
CA THR A 273 9.56 -2.38 16.59
C THR A 273 8.56 -3.35 17.15
N ASP A 274 7.70 -3.92 16.29
CA ASP A 274 6.89 -5.05 16.70
C ASP A 274 6.90 -6.11 15.60
N ASP A 275 6.02 -7.10 15.69
CA ASP A 275 6.06 -8.21 14.75
C ASP A 275 5.98 -7.83 13.26
N HIS A 276 5.36 -6.70 12.92
CA HIS A 276 5.32 -6.27 11.52
C HIS A 276 5.41 -4.79 11.26
N ARG A 277 5.79 -4.02 12.29
CA ARG A 277 5.88 -2.59 12.17
C ARG A 277 7.17 -2.05 12.73
N VAL A 278 7.54 -0.87 12.24
CA VAL A 278 8.55 -0.03 12.88
C VAL A 278 7.95 1.31 13.26
N LYS A 279 8.45 1.82 14.39
CA LYS A 279 8.09 3.14 14.89
C LYS A 279 9.23 4.00 14.49
N VAL A 280 8.92 4.97 13.62
CA VAL A 280 9.91 5.87 13.06
C VAL A 280 9.92 7.18 13.83
N HIS A 281 11.12 7.67 14.06
CA HIS A 281 11.36 8.97 14.65
C HIS A 281 12.13 9.80 13.64
N PHE A 282 11.67 11.04 13.44
CA PHE A 282 12.37 12.02 12.57
C PHE A 282 13.41 12.75 13.39
N ASP A 283 14.70 12.60 13.05
CA ASP A 283 15.78 13.11 13.90
C ASP A 283 15.71 14.62 14.00
N GLY A 284 15.82 15.12 15.22
CA GLY A 284 15.73 16.55 15.48
C GLY A 284 14.31 16.99 15.80
N TRP A 285 13.31 16.18 15.52
CA TRP A 285 11.91 16.56 15.84
C TRP A 285 11.44 16.04 17.18
N ASN A 286 10.39 16.65 17.73
CA ASN A 286 9.81 16.13 18.98
C ASN A 286 9.26 14.69 18.78
N ASN A 287 9.26 13.91 19.85
CA ASN A 287 8.77 12.53 19.83
C ASN A 287 7.29 12.38 19.49
N CYS A 288 6.50 13.44 19.64
CA CYS A 288 5.08 13.40 19.26
C CYS A 288 4.88 13.35 17.73
N TYR A 289 5.96 13.46 16.97
CA TYR A 289 5.89 13.27 15.51
C TYR A 289 6.31 11.86 15.06
N ASP A 290 6.74 11.02 16.01
CA ASP A 290 6.97 9.61 15.73
C ASP A 290 5.70 8.95 15.19
N TYR A 291 5.85 7.87 14.43
CA TYR A 291 4.67 7.04 14.15
C TYR A 291 5.04 5.66 13.67
N TRP A 292 4.01 4.81 13.67
CA TRP A 292 4.15 3.39 13.32
C TRP A 292 3.86 3.16 11.87
N ILE A 293 4.66 2.32 11.25
CA ILE A 293 4.44 1.99 9.85
C ILE A 293 4.87 0.54 9.59
N ASP A 294 4.20 -0.14 8.66
CA ASP A 294 4.54 -1.55 8.35
C ASP A 294 5.99 -1.60 7.89
N ALA A 295 6.77 -2.57 8.38
CA ALA A 295 8.21 -2.66 8.09
C ALA A 295 8.48 -3.03 6.63
N ASP A 296 7.45 -3.48 5.93
CA ASP A 296 7.54 -3.79 4.51
C ASP A 296 7.02 -2.63 3.63
N SER A 297 6.76 -1.47 4.23
CA SER A 297 6.14 -0.35 3.53
C SER A 297 7.00 0.20 2.41
N PRO A 298 6.39 0.47 1.25
CA PRO A 298 7.17 1.08 0.21
C PRO A 298 7.60 2.56 0.50
N ASP A 299 7.30 3.10 1.68
CA ASP A 299 7.71 4.47 2.01
C ASP A 299 8.88 4.61 2.98
N ILE A 300 9.55 3.51 3.32
CA ILE A 300 10.79 3.57 4.11
C ILE A 300 11.92 2.98 3.27
N HIS A 301 13.13 3.51 3.42
CA HIS A 301 14.20 3.25 2.43
C HIS A 301 15.54 3.30 3.08
N PRO A 302 16.57 2.70 2.45
CA PRO A 302 17.87 2.74 3.07
C PRO A 302 18.53 4.11 2.94
N VAL A 303 19.47 4.37 3.83
CA VAL A 303 20.30 5.54 3.72
C VAL A 303 20.86 5.54 2.30
N GLY A 304 20.87 6.72 1.68
CA GLY A 304 21.33 6.86 0.28
C GLY A 304 20.26 6.84 -0.81
N TRP A 305 19.03 6.46 -0.46
CA TRP A 305 17.94 6.34 -1.44
C TRP A 305 17.65 7.61 -2.16
N CYS A 306 17.47 8.68 -1.37
CA CYS A 306 17.15 10.00 -1.90
C CYS A 306 18.22 10.52 -2.86
N SER A 307 19.48 10.50 -2.42
CA SER A 307 20.62 10.80 -3.30
C SER A 307 20.57 10.07 -4.63
N LYS A 308 20.45 8.75 -4.56
CA LYS A 308 20.64 7.94 -5.75
C LYS A 308 19.46 8.08 -6.70
N THR A 309 18.30 8.51 -6.20
CA THR A 309 17.12 8.61 -7.03
C THR A 309 16.69 10.07 -7.34
N GLY A 310 17.48 11.05 -6.88
CA GLY A 310 17.17 12.46 -7.12
C GLY A 310 15.98 13.05 -6.36
N HIS A 311 15.73 12.55 -5.15
CA HIS A 311 14.68 13.10 -4.28
C HIS A 311 15.40 13.86 -3.20
N PRO A 312 14.93 15.07 -2.85
CA PRO A 312 15.54 15.78 -1.68
C PRO A 312 15.36 15.02 -0.36
N LEU A 313 16.42 14.97 0.44
CA LEU A 313 16.39 14.49 1.82
C LEU A 313 16.32 15.71 2.76
N GLN A 314 15.26 15.80 3.56
CA GLN A 314 15.17 16.80 4.63
C GLN A 314 16.13 16.37 5.75
N PRO A 315 17.13 17.21 6.05
CA PRO A 315 18.06 16.87 7.13
C PRO A 315 17.34 16.98 8.48
N PRO A 316 18.01 16.60 9.58
CA PRO A 316 17.42 16.75 10.90
C PRO A 316 17.05 18.20 11.24
N LEU A 317 15.85 18.41 11.78
CA LEU A 317 15.34 19.75 12.07
C LEU A 317 16.35 20.55 12.88
N SER A 318 16.77 21.70 12.34
CA SER A 318 17.83 22.57 12.91
C SER A 318 17.42 23.18 14.25
CO CO B . -0.95 -4.28 11.76
CO CO C . -20.58 -7.47 0.93
CO CO D . -1.53 -19.13 16.10
CO CO E . -19.23 8.29 -8.10
CO CO F . -14.89 7.92 2.27
N1 EPE G . -16.44 -2.38 13.39
C2 EPE G . -15.91 -1.17 12.73
C3 EPE G . -16.00 -1.28 11.26
N4 EPE G . -15.31 -2.46 10.72
C5 EPE G . -15.76 -3.68 11.41
C6 EPE G . -15.66 -3.53 12.90
C7 EPE G . -15.63 -2.53 9.26
C8 EPE G . -15.07 -3.80 8.56
O8 EPE G . -13.63 -3.94 8.74
C9 EPE G . -16.28 -2.19 14.84
C10 EPE G . -16.79 -3.35 15.68
S EPE G . -18.61 -3.27 15.70
O1S EPE G . -19.02 -1.95 16.34
O2S EPE G . -19.07 -4.40 16.62
O3S EPE G . -19.22 -3.47 14.32
UNK UNX H . -9.97 1.44 -18.88
UNK UNX I . -4.46 8.58 0.13
UNK UNX J . -6.28 10.18 -1.63
UNK UNX K . -12.81 10.04 -4.75
UNK UNX L . 7.50 16.12 -15.68
UNK UNX M . -14.42 16.96 -4.98
UNK UNX N . -19.45 12.80 -9.34
UNK UNX O . -17.50 -20.99 14.85
UNK UNX P . 15.44 -4.00 18.38
UNK UNX Q . -2.76 -3.04 -19.48
UNK UNX R . -6.78 -26.35 5.55
UNK UNX S . 9.68 -4.48 -1.77
#